data_6YJO
#
_entry.id   6YJO
#
_cell.length_a   111.600
_cell.length_b   67.455
_cell.length_c   85.082
_cell.angle_alpha   90.000
_cell.angle_beta   116.310
_cell.angle_gamma   90.000
#
_symmetry.space_group_name_H-M   'C 1 2 1'
#
loop_
_entity.id
_entity.type
_entity.pdbx_description
1 polymer 'FAD-binding PCMH-type domain-containing protein'
2 branched beta-D-mannopyranose-(1-4)-2-acetamido-2-deoxy-beta-D-glucopyranose-(1-4)-2-acetamido-2-deoxy-beta-D-glucopyranose
3 non-polymer 'FLAVIN-ADENINE DINUCLEOTIDE'
4 water water
#
_entity_poly.entity_id   1
_entity_poly.type   'polypeptide(L)'
_entity_poly.pdbx_seq_one_letter_code
;MFDFRLLLLCLGAFLTFTNASPSPYPQSSNAPAALNACLASKKVPYIPRDSAQWVKEVKPYNLRLAYTPAAIALPTTVKH
ISDAVKCGDQNKVRVSAKSGGHSYGSFGYGGENGHLVIVVDAMDTVTLNKDMSCTVQAGARLGHVATDLFQFGKRAIPHG
SCPGVGIAGHALHGGYGFASRTHGLTLDTFLGATIVLTNGTIRYAADWEYYDLTWALRGAGSSFGIVAELGFQTFAAPET
VTPFSIELDWNENEAVEGLLAMQKFAVTAPKELNMQIYMGPSGQTIQGVYYGTRANLNTALRPLLGDLGAQISTASTGGW
IQMLNKYANGQALDQRRPYDQHSTFYSTSLMTKALTRNQVKSFARTLFDNMNDSDARHTWYILIDLFGGPNSAVTNAKTL
FTDLPINSAFPHRDKLLLWQFSDHGNYATHANNGFTVLKRFRDSVTKTMADGDWGMYANYLDTQLSNEEAVKRYYGKSLP
KLKKLKAELDPKDMFWNPQGIRPAAAHHHHHH
;
_entity_poly.pdbx_strand_id   A
#
# COMPACT_ATOMS: atom_id res chain seq x y z
N ALA A 31 -17.16 -25.00 -16.34
CA ALA A 31 -16.50 -24.83 -15.05
C ALA A 31 -16.84 -23.44 -14.48
N PRO A 32 -16.67 -22.39 -15.30
CA PRO A 32 -17.27 -21.10 -14.94
C PRO A 32 -18.76 -21.19 -14.66
N ALA A 33 -19.46 -22.19 -15.20
CA ALA A 33 -20.86 -22.42 -14.87
C ALA A 33 -21.06 -23.45 -13.78
N ALA A 34 -20.12 -24.38 -13.63
CA ALA A 34 -20.08 -25.21 -12.43
C ALA A 34 -20.08 -24.34 -11.19
N LEU A 35 -19.15 -23.39 -11.12
CA LEU A 35 -19.14 -22.37 -10.08
C LEU A 35 -20.45 -21.61 -10.04
N ASN A 36 -20.67 -20.71 -11.01
CA ASN A 36 -21.81 -19.81 -11.06
C ASN A 36 -23.09 -20.46 -10.56
N ALA A 37 -23.26 -21.76 -10.84
CA ALA A 37 -24.42 -22.47 -10.32
C ALA A 37 -24.34 -22.63 -8.81
N CYS A 38 -23.21 -23.15 -8.31
CA CYS A 38 -23.01 -23.25 -6.87
C CYS A 38 -23.30 -21.92 -6.18
N LEU A 39 -22.76 -20.83 -6.72
CA LEU A 39 -22.95 -19.51 -6.12
C LEU A 39 -24.42 -19.19 -5.94
N ALA A 40 -25.24 -19.44 -6.97
CA ALA A 40 -26.67 -19.11 -6.89
C ALA A 40 -27.45 -20.16 -6.12
N SER A 41 -26.90 -21.36 -5.92
CA SER A 41 -27.52 -22.31 -5.01
C SER A 41 -27.44 -21.82 -3.58
N LYS A 42 -26.38 -21.09 -3.24
CA LYS A 42 -26.21 -20.45 -1.95
C LYS A 42 -26.66 -18.99 -1.98
N LYS A 43 -27.34 -18.59 -3.05
CA LYS A 43 -27.74 -17.20 -3.30
C LYS A 43 -26.62 -16.21 -2.97
N VAL A 44 -25.41 -16.56 -3.41
CA VAL A 44 -24.30 -15.62 -3.42
C VAL A 44 -24.45 -14.77 -4.68
N PRO A 45 -24.64 -13.46 -4.57
CA PRO A 45 -24.70 -12.63 -5.78
C PRO A 45 -23.48 -12.84 -6.65
N TYR A 46 -23.70 -13.10 -7.93
CA TYR A 46 -22.61 -13.28 -8.88
C TYR A 46 -22.87 -12.42 -10.13
N ILE A 47 -21.78 -12.16 -10.83
CA ILE A 47 -21.86 -11.41 -12.12
C ILE A 47 -21.96 -12.44 -13.24
N PRO A 48 -23.01 -12.38 -14.07
CA PRO A 48 -23.12 -13.37 -15.15
C PRO A 48 -21.98 -13.25 -16.15
N ARG A 49 -21.48 -14.42 -16.56
CA ARG A 49 -20.32 -14.47 -17.45
C ARG A 49 -20.57 -13.68 -18.73
N ASP A 50 -19.49 -13.07 -19.24
CA ASP A 50 -19.49 -12.41 -20.55
C ASP A 50 -20.68 -11.48 -20.74
N SER A 51 -21.19 -10.92 -19.65
CA SER A 51 -22.22 -9.89 -19.72
C SER A 51 -21.55 -8.52 -19.85
N ALA A 52 -22.37 -7.48 -20.00
CA ALA A 52 -21.82 -6.12 -20.02
C ALA A 52 -21.09 -5.80 -18.73
N GLN A 53 -21.68 -6.16 -17.59
CA GLN A 53 -21.02 -5.90 -16.31
C GLN A 53 -19.76 -6.74 -16.16
N TRP A 54 -19.75 -7.95 -16.72
CA TRP A 54 -18.55 -8.78 -16.66
C TRP A 54 -17.37 -8.11 -17.37
N VAL A 55 -17.64 -7.38 -18.45
CA VAL A 55 -16.55 -6.73 -19.18
C VAL A 55 -16.06 -5.49 -18.42
N LYS A 56 -16.95 -4.87 -17.63
CA LYS A 56 -16.60 -3.69 -16.85
C LYS A 56 -15.92 -4.06 -15.53
N GLU A 57 -16.17 -5.26 -15.01
CA GLU A 57 -15.58 -5.72 -13.77
C GLU A 57 -14.23 -6.39 -13.97
N VAL A 58 -14.03 -7.01 -15.15
CA VAL A 58 -12.78 -7.70 -15.47
C VAL A 58 -11.69 -6.72 -15.90
N LYS A 59 -12.04 -5.47 -16.15
CA LYS A 59 -11.06 -4.45 -16.50
C LYS A 59 -10.22 -4.10 -15.28
N PRO A 60 -8.92 -4.40 -15.26
CA PRO A 60 -8.11 -4.14 -14.06
C PRO A 60 -7.87 -2.65 -13.87
N TYR A 61 -7.36 -2.28 -12.69
CA TYR A 61 -6.86 -0.92 -12.53
C TYR A 61 -5.64 -0.70 -13.42
N ASN A 62 -4.59 -1.50 -13.21
CA ASN A 62 -3.43 -1.48 -14.10
C ASN A 62 -3.82 -2.20 -15.38
N LEU A 63 -4.10 -1.43 -16.44
CA LEU A 63 -4.48 -2.02 -17.72
C LEU A 63 -3.40 -2.89 -18.31
N ARG A 64 -2.17 -2.82 -17.80
CA ARG A 64 -1.08 -3.61 -18.35
C ARG A 64 -1.28 -5.10 -18.07
N LEU A 65 -1.96 -5.45 -16.98
CA LEU A 65 -2.15 -6.85 -16.58
C LEU A 65 -3.63 -7.09 -16.36
N ALA A 66 -4.28 -7.72 -17.34
CA ALA A 66 -5.66 -8.14 -17.23
C ALA A 66 -5.73 -9.65 -17.06
N TYR A 67 -6.83 -10.12 -16.48
CA TYR A 67 -7.06 -11.54 -16.28
C TYR A 67 -8.57 -11.79 -16.36
N THR A 68 -8.94 -13.06 -16.50
CA THR A 68 -10.33 -13.47 -16.68
C THR A 68 -10.71 -14.50 -15.63
N PRO A 69 -11.26 -14.08 -14.50
CA PRO A 69 -11.89 -15.01 -13.54
C PRO A 69 -12.61 -16.21 -14.15
N ALA A 70 -12.72 -17.28 -13.36
CA ALA A 70 -13.68 -18.34 -13.64
C ALA A 70 -15.09 -17.87 -13.26
N ALA A 71 -15.21 -17.19 -12.12
CA ALA A 71 -16.42 -16.45 -11.78
C ALA A 71 -16.03 -15.25 -10.93
N ILE A 72 -16.93 -14.26 -10.90
CA ILE A 72 -16.84 -13.11 -10.00
C ILE A 72 -18.04 -13.17 -9.08
N ALA A 73 -17.78 -13.18 -7.76
CA ALA A 73 -18.82 -12.96 -6.78
C ALA A 73 -18.86 -11.49 -6.39
N LEU A 74 -20.05 -11.00 -6.04
CA LEU A 74 -20.26 -9.64 -5.61
C LEU A 74 -21.06 -9.66 -4.32
N PRO A 75 -20.44 -10.08 -3.21
CA PRO A 75 -21.17 -10.19 -1.95
C PRO A 75 -21.52 -8.81 -1.38
N THR A 76 -22.52 -8.83 -0.50
CA THR A 76 -22.81 -7.67 0.34
C THR A 76 -22.90 -8.05 1.81
N THR A 77 -22.77 -9.33 2.16
CA THR A 77 -22.76 -9.78 3.53
C THR A 77 -21.58 -10.73 3.75
N VAL A 78 -21.20 -10.87 5.02
CA VAL A 78 -20.16 -11.81 5.38
C VAL A 78 -20.55 -13.23 4.96
N LYS A 79 -21.86 -13.54 5.00
CA LYS A 79 -22.30 -14.89 4.68
C LYS A 79 -22.06 -15.21 3.21
N HIS A 80 -22.34 -14.25 2.31
CA HIS A 80 -22.01 -14.44 0.91
C HIS A 80 -20.55 -14.85 0.73
N ILE A 81 -19.64 -14.12 1.38
CA ILE A 81 -18.22 -14.46 1.30
C ILE A 81 -17.99 -15.90 1.76
N SER A 82 -18.52 -16.26 2.93
CA SER A 82 -18.35 -17.61 3.44
C SER A 82 -18.85 -18.63 2.42
N ASP A 83 -20.08 -18.44 1.92
CA ASP A 83 -20.61 -19.35 0.92
C ASP A 83 -19.79 -19.31 -0.36
N ALA A 84 -19.35 -18.12 -0.77
CA ALA A 84 -18.53 -18.01 -1.98
C ALA A 84 -17.20 -18.74 -1.80
N VAL A 85 -16.60 -18.63 -0.61
CA VAL A 85 -15.37 -19.35 -0.33
C VAL A 85 -15.61 -20.86 -0.31
N LYS A 86 -16.77 -21.29 0.18
CA LYS A 86 -17.09 -22.72 0.14
C LYS A 86 -17.33 -23.19 -1.29
N CYS A 87 -18.03 -22.39 -2.10
CA CYS A 87 -18.18 -22.74 -3.50
C CYS A 87 -16.86 -22.76 -4.24
N GLY A 88 -15.84 -22.09 -3.70
CA GLY A 88 -14.50 -22.16 -4.25
C GLY A 88 -13.82 -23.47 -3.91
N ASP A 89 -13.88 -23.86 -2.64
CA ASP A 89 -13.30 -25.13 -2.22
C ASP A 89 -13.96 -26.31 -2.95
N GLN A 90 -15.26 -26.20 -3.23
CA GLN A 90 -15.97 -27.30 -3.87
C GLN A 90 -15.45 -27.58 -5.28
N ASN A 91 -15.19 -26.52 -6.05
CA ASN A 91 -14.79 -26.64 -7.44
C ASN A 91 -13.28 -26.59 -7.65
N LYS A 92 -12.51 -26.71 -6.56
CA LYS A 92 -11.05 -26.75 -6.63
C LYS A 92 -10.47 -25.57 -7.40
N VAL A 93 -11.12 -24.41 -7.31
CA VAL A 93 -10.56 -23.17 -7.86
C VAL A 93 -9.81 -22.43 -6.77
N ARG A 94 -8.69 -21.83 -7.15
CA ARG A 94 -8.08 -20.80 -6.32
C ARG A 94 -9.02 -19.61 -6.25
N VAL A 95 -9.03 -18.94 -5.09
CA VAL A 95 -9.95 -17.84 -4.84
C VAL A 95 -9.14 -16.63 -4.38
N SER A 96 -9.56 -15.45 -4.83
CA SER A 96 -8.83 -14.22 -4.56
C SER A 96 -9.84 -13.09 -4.35
N ALA A 97 -9.56 -12.27 -3.35
CA ALA A 97 -10.42 -11.14 -3.01
C ALA A 97 -9.88 -9.87 -3.63
N LYS A 98 -10.78 -9.04 -4.15
CA LYS A 98 -10.45 -7.72 -4.66
C LYS A 98 -11.33 -6.69 -3.98
N SER A 99 -10.71 -5.66 -3.40
CA SER A 99 -11.43 -4.60 -2.71
C SER A 99 -11.43 -3.34 -3.55
N GLY A 100 -10.30 -2.65 -3.60
CA GLY A 100 -10.18 -1.44 -4.40
C GLY A 100 -9.68 -1.71 -5.80
N GLY A 101 -8.86 -2.76 -5.96
CA GLY A 101 -8.32 -3.13 -7.25
C GLY A 101 -7.04 -2.45 -7.63
N HIS A 102 -6.38 -1.75 -6.70
CA HIS A 102 -5.18 -0.99 -7.04
C HIS A 102 -3.92 -1.82 -7.03
N SER A 103 -4.01 -3.13 -6.89
CA SER A 103 -2.84 -3.99 -7.01
C SER A 103 -2.01 -3.57 -8.22
N TYR A 104 -0.71 -3.30 -7.99
CA TYR A 104 0.18 -2.97 -9.09
C TYR A 104 0.35 -4.13 -10.06
N GLY A 105 -0.12 -5.33 -9.70
CA GLY A 105 -0.08 -6.49 -10.58
C GLY A 105 -1.43 -7.15 -10.70
N SER A 106 -2.51 -6.43 -10.37
CA SER A 106 -3.87 -6.92 -10.51
C SER A 106 -4.03 -8.28 -9.82
N PHE A 107 -3.38 -8.42 -8.66
CA PHE A 107 -3.50 -9.64 -7.86
C PHE A 107 -4.89 -9.79 -7.24
N GLY A 108 -5.70 -8.73 -7.25
CA GLY A 108 -7.09 -8.88 -6.86
C GLY A 108 -7.79 -9.99 -7.63
N TYR A 109 -7.46 -10.13 -8.91
CA TYR A 109 -8.02 -11.20 -9.73
C TYR A 109 -7.30 -12.54 -9.51
N GLY A 110 -6.09 -12.50 -8.95
CA GLY A 110 -5.33 -13.70 -8.66
C GLY A 110 -3.97 -13.77 -9.32
N GLY A 111 -3.62 -12.79 -10.17
CA GLY A 111 -2.36 -12.85 -10.89
C GLY A 111 -2.34 -13.82 -12.03
N GLU A 112 -3.50 -14.32 -12.45
CA GLU A 112 -3.65 -15.38 -13.43
C GLU A 112 -5.15 -15.53 -13.69
N ASN A 113 -5.49 -16.37 -14.67
CA ASN A 113 -6.89 -16.66 -14.97
C ASN A 113 -7.36 -17.89 -14.19
N GLY A 114 -8.67 -18.03 -14.09
CA GLY A 114 -9.26 -19.22 -13.52
C GLY A 114 -9.46 -19.18 -12.03
N HIS A 115 -9.57 -17.98 -11.44
CA HIS A 115 -9.90 -17.82 -10.04
C HIS A 115 -11.36 -17.48 -9.88
N LEU A 116 -11.95 -17.89 -8.76
CA LEU A 116 -13.13 -17.22 -8.25
C LEU A 116 -12.67 -15.94 -7.58
N VAL A 117 -13.21 -14.82 -8.02
CA VAL A 117 -12.81 -13.51 -7.54
C VAL A 117 -13.96 -12.88 -6.79
N ILE A 118 -13.78 -12.69 -5.48
CA ILE A 118 -14.81 -12.20 -4.58
C ILE A 118 -14.61 -10.69 -4.44
N VAL A 119 -15.45 -9.92 -5.12
CA VAL A 119 -15.36 -8.47 -5.14
C VAL A 119 -16.14 -7.92 -3.95
N VAL A 120 -15.43 -7.45 -2.93
CA VAL A 120 -16.05 -6.97 -1.70
C VAL A 120 -16.31 -5.47 -1.80
N ASP A 121 -16.18 -4.92 -3.01
CA ASP A 121 -16.34 -3.49 -3.22
C ASP A 121 -17.71 -2.98 -2.75
N ALA A 122 -18.74 -3.83 -2.81
CA ALA A 122 -20.07 -3.41 -2.41
C ALA A 122 -20.27 -3.33 -0.90
N MET A 123 -19.34 -3.89 -0.12
CA MET A 123 -19.39 -3.83 1.35
C MET A 123 -18.45 -2.72 1.79
N ASP A 124 -18.99 -1.53 2.01
CA ASP A 124 -18.18 -0.36 2.31
C ASP A 124 -18.71 0.46 3.49
N THR A 125 -19.50 -0.14 4.37
CA THR A 125 -20.09 0.62 5.48
C THR A 125 -19.02 0.94 6.52
N VAL A 126 -18.92 2.23 6.87
CA VAL A 126 -18.06 2.70 7.95
C VAL A 126 -18.93 2.95 9.17
N THR A 127 -18.39 2.67 10.35
CA THR A 127 -19.09 2.86 11.62
C THR A 127 -18.10 3.31 12.67
N LEU A 128 -18.34 4.50 13.23
CA LEU A 128 -17.48 5.09 14.26
C LEU A 128 -18.16 4.88 15.62
N ASN A 129 -17.47 4.16 16.51
CA ASN A 129 -17.97 3.91 17.87
C ASN A 129 -17.60 5.08 18.78
N LYS A 130 -18.18 5.06 19.99
CA LYS A 130 -17.99 6.15 20.92
C LYS A 130 -16.65 6.11 21.63
N ASP A 131 -16.08 4.91 21.80
CA ASP A 131 -14.74 4.78 22.36
C ASP A 131 -13.65 5.06 21.33
N MET A 132 -14.04 5.48 20.13
CA MET A 132 -13.17 5.94 19.03
C MET A 132 -12.58 4.80 18.23
N SER A 133 -12.92 3.55 18.52
CA SER A 133 -12.69 2.48 17.55
C SER A 133 -13.68 2.64 16.40
N CYS A 134 -13.39 2.00 15.28
CA CYS A 134 -14.29 2.00 14.13
C CYS A 134 -14.31 0.63 13.48
N THR A 135 -15.42 0.33 12.82
CA THR A 135 -15.59 -0.85 11.98
C THR A 135 -15.71 -0.37 10.54
N VAL A 136 -14.81 -0.84 9.68
CA VAL A 136 -14.80 -0.46 8.27
C VAL A 136 -14.91 -1.74 7.44
N GLN A 137 -15.99 -1.86 6.68
CA GLN A 137 -16.18 -3.03 5.84
C GLN A 137 -15.09 -3.11 4.79
N ALA A 138 -14.75 -4.34 4.39
CA ALA A 138 -13.53 -4.59 3.63
C ALA A 138 -13.51 -3.92 2.27
N GLY A 139 -14.64 -3.42 1.77
CA GLY A 139 -14.71 -2.80 0.47
C GLY A 139 -14.62 -1.30 0.46
N ALA A 140 -14.61 -0.66 1.63
CA ALA A 140 -14.51 0.79 1.66
C ALA A 140 -13.20 1.26 1.03
N ARG A 141 -13.27 2.32 0.25
CA ARG A 141 -12.09 2.96 -0.29
C ARG A 141 -11.60 4.05 0.66
N LEU A 142 -10.29 4.32 0.62
CA LEU A 142 -9.67 5.18 1.62
C LEU A 142 -10.39 6.51 1.74
N GLY A 143 -10.80 7.10 0.62
CA GLY A 143 -11.43 8.40 0.68
C GLY A 143 -12.83 8.34 1.26
N HIS A 144 -13.52 7.23 1.05
CA HIS A 144 -14.81 7.01 1.71
C HIS A 144 -14.64 6.78 3.20
N VAL A 145 -13.48 6.28 3.63
CA VAL A 145 -13.22 6.09 5.05
C VAL A 145 -12.95 7.42 5.74
N ALA A 146 -12.08 8.25 5.15
CA ALA A 146 -11.79 9.56 5.73
C ALA A 146 -13.03 10.44 5.72
N THR A 147 -13.82 10.38 4.66
CA THR A 147 -15.02 11.21 4.56
C THR A 147 -16.02 10.86 5.64
N ASP A 148 -16.22 9.57 5.91
CA ASP A 148 -17.22 9.16 6.89
C ASP A 148 -16.70 9.26 8.33
N LEU A 149 -15.39 9.14 8.54
CA LEU A 149 -14.85 9.25 9.90
C LEU A 149 -14.80 10.69 10.37
N PHE A 150 -14.47 11.62 9.46
CA PHE A 150 -14.43 13.03 9.82
C PHE A 150 -15.82 13.61 10.00
N GLN A 151 -16.85 13.00 9.39
CA GLN A 151 -18.21 13.49 9.48
C GLN A 151 -19.05 12.75 10.52
N PHE A 152 -18.76 11.48 10.80
CA PHE A 152 -19.43 10.81 11.91
C PHE A 152 -18.95 11.36 13.25
N GLY A 153 -17.69 11.75 13.33
CA GLY A 153 -17.15 12.50 14.45
C GLY A 153 -16.24 13.59 13.92
N LYS A 154 -14.98 13.59 14.34
CA LYS A 154 -13.91 14.26 13.61
C LYS A 154 -12.68 13.36 13.72
N ARG A 155 -12.83 12.14 13.23
CA ARG A 155 -11.85 11.08 13.45
C ARG A 155 -11.25 10.67 12.11
N ALA A 156 -10.14 9.94 12.21
CA ALA A 156 -9.36 9.59 11.04
C ALA A 156 -8.42 8.44 11.39
N ILE A 157 -7.97 7.74 10.35
CA ILE A 157 -6.90 6.77 10.50
C ILE A 157 -5.81 7.12 9.49
N PRO A 158 -4.57 6.70 9.74
CA PRO A 158 -3.48 7.03 8.81
C PRO A 158 -3.52 6.11 7.59
N HIS A 159 -3.42 6.72 6.40
CA HIS A 159 -3.48 5.96 5.16
C HIS A 159 -2.82 6.80 4.06
N GLY A 160 -2.80 6.25 2.85
CA GLY A 160 -2.12 6.85 1.73
C GLY A 160 -2.91 7.97 1.08
N SER A 161 -2.32 8.53 0.02
CA SER A 161 -2.86 9.72 -0.61
C SER A 161 -3.99 9.41 -1.59
N CYS A 162 -3.99 8.21 -2.18
CA CYS A 162 -4.96 7.88 -3.22
C CYS A 162 -6.30 7.53 -2.59
N PRO A 163 -7.36 8.29 -2.85
CA PRO A 163 -8.65 7.98 -2.22
C PRO A 163 -9.29 6.72 -2.76
N GLY A 164 -9.02 6.33 -4.01
CA GLY A 164 -9.66 5.16 -4.60
C GLY A 164 -9.10 3.82 -4.14
N VAL A 165 -8.00 3.83 -3.39
CA VAL A 165 -7.42 2.58 -2.90
C VAL A 165 -8.39 1.91 -1.93
N GLY A 166 -8.47 0.59 -2.01
CA GLY A 166 -9.32 -0.16 -1.10
C GLY A 166 -8.66 -0.36 0.25
N ILE A 167 -9.50 -0.36 1.30
CA ILE A 167 -8.98 -0.42 2.65
C ILE A 167 -8.33 -1.78 2.92
N ALA A 168 -8.91 -2.84 2.36
CA ALA A 168 -8.42 -4.19 2.67
C ALA A 168 -6.97 -4.37 2.21
N GLY A 169 -6.72 -4.20 0.91
CA GLY A 169 -5.37 -4.37 0.40
C GLY A 169 -4.40 -3.38 1.00
N HIS A 170 -4.85 -2.16 1.28
CA HIS A 170 -3.98 -1.13 1.83
C HIS A 170 -3.49 -1.50 3.23
N ALA A 171 -4.41 -1.89 4.11
CA ALA A 171 -4.06 -2.12 5.51
C ALA A 171 -3.40 -3.49 5.71
N LEU A 172 -3.85 -4.51 4.99
CA LEU A 172 -3.31 -5.85 5.20
C LEU A 172 -1.84 -5.96 4.80
N HIS A 173 -1.28 -4.94 4.16
CA HIS A 173 0.12 -4.95 3.78
C HIS A 173 0.90 -3.74 4.27
N GLY A 174 0.25 -2.81 4.99
CA GLY A 174 0.93 -1.64 5.50
C GLY A 174 0.01 -0.44 5.56
N GLY A 175 0.12 0.44 4.56
CA GLY A 175 -0.68 1.64 4.53
C GLY A 175 0.12 2.84 4.99
N TYR A 176 0.77 3.52 4.04
CA TYR A 176 1.65 4.64 4.34
C TYR A 176 1.17 5.88 3.62
N GLY A 177 1.26 7.02 4.30
CA GLY A 177 0.86 8.28 3.72
C GLY A 177 1.43 9.44 4.50
N PHE A 178 0.89 10.63 4.23
CA PHE A 178 1.40 11.86 4.81
C PHE A 178 0.98 12.08 6.25
N ALA A 179 0.32 11.10 6.87
CA ALA A 179 0.08 11.09 8.31
C ALA A 179 0.80 9.94 9.01
N SER A 180 1.55 9.12 8.28
CA SER A 180 2.13 7.91 8.87
C SER A 180 3.22 8.25 9.86
N ARG A 181 4.14 9.15 9.48
CA ARG A 181 5.25 9.49 10.36
C ARG A 181 4.76 10.00 11.71
N THR A 182 3.55 10.56 11.74
CA THR A 182 2.97 11.12 12.95
C THR A 182 2.03 10.16 13.65
N HIS A 183 1.30 9.34 12.90
CA HIS A 183 0.28 8.47 13.48
C HIS A 183 0.40 7.02 13.04
N GLY A 184 1.42 6.66 12.28
CA GLY A 184 1.76 5.27 12.01
C GLY A 184 1.17 4.76 10.72
N LEU A 185 1.61 3.55 10.35
CA LEU A 185 0.98 2.83 9.26
C LEU A 185 -0.48 2.55 9.58
N THR A 186 -1.27 2.33 8.53
CA THR A 186 -2.67 1.98 8.74
C THR A 186 -2.81 0.73 9.60
N LEU A 187 -1.92 -0.25 9.40
CA LEU A 187 -2.01 -1.47 10.19
C LEU A 187 -1.53 -1.27 11.62
N ASP A 188 -0.85 -0.16 11.93
CA ASP A 188 -0.46 0.10 13.31
C ASP A 188 -1.67 0.43 14.17
N THR A 189 -2.75 0.93 13.57
CA THR A 189 -4.00 1.20 14.27
C THR A 189 -5.00 0.06 14.12
N PHE A 190 -4.56 -1.09 13.62
CA PHE A 190 -5.43 -2.22 13.33
C PHE A 190 -5.77 -2.98 14.61
N LEU A 191 -7.06 -3.17 14.86
CA LEU A 191 -7.55 -3.89 16.04
C LEU A 191 -7.86 -5.35 15.74
N GLY A 192 -8.52 -5.62 14.63
CA GLY A 192 -8.91 -6.98 14.28
C GLY A 192 -9.83 -6.94 13.07
N ALA A 193 -10.21 -8.12 12.62
CA ALA A 193 -11.05 -8.23 11.43
C ALA A 193 -11.84 -9.53 11.44
N THR A 194 -13.11 -9.41 11.07
CA THR A 194 -13.90 -10.57 10.67
C THR A 194 -13.31 -11.13 9.37
N ILE A 195 -12.89 -12.38 9.40
CA ILE A 195 -12.18 -12.98 8.28
C ILE A 195 -12.73 -14.38 8.02
N VAL A 196 -12.80 -14.76 6.75
CA VAL A 196 -13.29 -16.07 6.33
C VAL A 196 -12.08 -16.92 5.94
N LEU A 197 -11.85 -17.99 6.67
CA LEU A 197 -10.74 -18.89 6.36
C LEU A 197 -11.12 -19.79 5.18
N THR A 198 -10.11 -20.48 4.64
CA THR A 198 -10.29 -21.22 3.40
C THR A 198 -11.43 -22.25 3.49
N ASN A 199 -11.74 -22.74 4.68
CA ASN A 199 -12.80 -23.72 4.85
C ASN A 199 -14.18 -23.08 5.03
N GLY A 200 -14.29 -21.76 4.84
CA GLY A 200 -15.54 -21.07 5.02
C GLY A 200 -15.86 -20.66 6.43
N THR A 201 -15.13 -21.16 7.42
CA THR A 201 -15.34 -20.75 8.80
C THR A 201 -15.11 -19.26 8.95
N ILE A 202 -16.02 -18.58 9.64
CA ILE A 202 -15.93 -17.14 9.88
C ILE A 202 -15.33 -16.93 11.26
N ARG A 203 -14.20 -16.21 11.31
CA ARG A 203 -13.55 -15.87 12.57
C ARG A 203 -13.54 -14.36 12.75
N TYR A 204 -13.52 -13.93 14.02
CA TYR A 204 -13.08 -12.59 14.37
C TYR A 204 -11.67 -12.72 14.92
N ALA A 205 -10.70 -12.17 14.20
CA ALA A 205 -9.29 -12.31 14.53
C ALA A 205 -8.82 -11.06 15.28
N ALA A 206 -8.32 -11.27 16.49
CA ALA A 206 -7.74 -10.19 17.29
C ALA A 206 -6.60 -10.76 18.12
N ASP A 207 -5.81 -9.87 18.70
CA ASP A 207 -4.59 -10.30 19.38
C ASP A 207 -4.87 -11.36 20.44
N TRP A 208 -5.97 -11.22 21.18
CA TRP A 208 -6.25 -12.16 22.27
C TRP A 208 -6.67 -13.52 21.73
N GLU A 209 -7.70 -13.55 20.88
CA GLU A 209 -8.26 -14.82 20.45
C GLU A 209 -7.38 -15.53 19.43
N TYR A 210 -6.61 -14.79 18.62
CA TYR A 210 -5.86 -15.38 17.53
C TYR A 210 -4.60 -14.53 17.29
N TYR A 211 -3.62 -14.71 18.18
CA TYR A 211 -2.44 -13.85 18.18
C TYR A 211 -1.65 -13.95 16.88
N ASP A 212 -1.42 -15.17 16.40
CA ASP A 212 -0.59 -15.37 15.23
C ASP A 212 -1.30 -14.99 13.94
N LEU A 213 -2.58 -15.36 13.82
CA LEU A 213 -3.36 -14.96 12.65
C LEU A 213 -3.41 -13.43 12.52
N THR A 214 -3.72 -12.75 13.63
CA THR A 214 -3.74 -11.29 13.62
C THR A 214 -2.36 -10.72 13.30
N TRP A 215 -1.32 -11.40 13.79
CA TRP A 215 0.05 -10.98 13.47
C TRP A 215 0.29 -11.04 11.96
N ALA A 216 -0.21 -12.08 11.29
CA ALA A 216 -0.04 -12.18 9.84
C ALA A 216 -0.91 -11.16 9.12
N LEU A 217 -2.10 -10.88 9.64
CA LEU A 217 -2.98 -9.90 8.99
C LEU A 217 -2.36 -8.51 8.99
N ARG A 218 -1.55 -8.20 10.00
CA ARG A 218 -0.82 -6.92 10.03
C ARG A 218 0.44 -7.04 9.17
N GLY A 219 0.24 -7.19 7.87
CA GLY A 219 1.37 -7.16 6.96
C GLY A 219 1.28 -8.05 5.73
N ALA A 220 0.60 -9.19 5.86
CA ALA A 220 0.60 -10.17 4.79
C ALA A 220 -0.72 -10.94 4.78
N GLY A 221 -1.82 -10.25 5.12
CA GLY A 221 -3.09 -10.92 5.28
C GLY A 221 -3.77 -11.35 3.99
N SER A 222 -3.28 -10.89 2.84
CA SER A 222 -3.86 -11.30 1.57
C SER A 222 -3.74 -12.80 1.34
N SER A 223 -2.85 -13.48 2.05
CA SER A 223 -2.55 -14.88 1.81
C SER A 223 -3.26 -15.84 2.77
N PHE A 224 -4.11 -15.32 3.68
CA PHE A 224 -4.63 -16.14 4.76
C PHE A 224 -6.15 -16.19 4.85
N GLY A 225 -6.88 -15.37 4.12
CA GLY A 225 -8.32 -15.42 4.19
C GLY A 225 -8.95 -14.23 3.51
N ILE A 226 -10.28 -14.24 3.49
CA ILE A 226 -11.07 -13.18 2.90
C ILE A 226 -11.61 -12.33 4.04
N VAL A 227 -11.00 -11.15 4.26
CA VAL A 227 -11.48 -10.23 5.28
C VAL A 227 -12.75 -9.55 4.80
N ALA A 228 -13.70 -9.38 5.71
CA ALA A 228 -14.97 -8.73 5.42
C ALA A 228 -15.17 -7.42 6.17
N GLU A 229 -14.55 -7.25 7.33
CA GLU A 229 -14.66 -6.04 8.12
C GLU A 229 -13.37 -5.86 8.91
N LEU A 230 -12.77 -4.67 8.83
CA LEU A 230 -11.56 -4.35 9.57
C LEU A 230 -11.90 -3.37 10.69
N GLY A 231 -11.19 -3.50 11.81
CA GLY A 231 -11.35 -2.60 12.95
C GLY A 231 -10.08 -1.80 13.13
N PHE A 232 -10.24 -0.51 13.45
CA PHE A 232 -9.12 0.38 13.72
C PHE A 232 -9.46 1.32 14.87
N GLN A 233 -8.41 1.80 15.55
CA GLN A 233 -8.52 2.83 16.58
C GLN A 233 -8.19 4.17 15.93
N THR A 234 -9.18 5.03 15.81
CA THR A 234 -9.01 6.31 15.13
C THR A 234 -8.27 7.31 16.02
N PHE A 235 -7.69 8.31 15.36
CA PHE A 235 -7.16 9.49 16.04
C PHE A 235 -7.98 10.70 15.63
N ALA A 236 -7.86 11.77 16.42
CA ALA A 236 -8.65 12.97 16.17
C ALA A 236 -8.10 13.70 14.95
N ALA A 237 -8.95 13.91 13.95
CA ALA A 237 -8.54 14.63 12.75
C ALA A 237 -8.04 16.01 13.15
N PRO A 238 -6.79 16.39 12.83
CA PRO A 238 -6.31 17.69 13.25
C PRO A 238 -7.04 18.80 12.50
N GLU A 239 -7.08 19.97 13.14
CA GLU A 239 -7.75 21.13 12.57
C GLU A 239 -6.79 22.09 11.89
N THR A 240 -5.49 21.96 12.16
CA THR A 240 -4.45 22.87 11.65
C THR A 240 -3.42 22.02 10.93
N VAL A 241 -3.48 22.01 9.60
CA VAL A 241 -2.64 21.15 8.77
C VAL A 241 -2.07 21.98 7.64
N THR A 242 -0.75 21.90 7.44
CA THR A 242 -0.05 22.72 6.46
C THR A 242 0.65 21.84 5.42
N PRO A 243 0.06 21.63 4.25
CA PRO A 243 0.83 21.08 3.13
C PRO A 243 1.91 22.06 2.68
N PHE A 244 2.95 21.51 2.06
CA PHE A 244 4.02 22.34 1.51
C PHE A 244 4.69 21.63 0.34
N SER A 245 5.29 22.44 -0.54
CA SER A 245 6.18 21.98 -1.60
C SER A 245 7.43 22.83 -1.61
N ILE A 246 8.55 22.23 -2.01
CA ILE A 246 9.80 22.91 -2.30
C ILE A 246 10.24 22.43 -3.67
N GLU A 247 10.26 23.32 -4.66
CA GLU A 247 10.69 22.98 -6.00
C GLU A 247 12.20 23.15 -6.13
N LEU A 248 12.83 22.20 -6.81
CA LEU A 248 14.28 22.19 -6.99
C LEU A 248 14.62 21.79 -8.42
N ASP A 249 15.88 22.05 -8.78
CA ASP A 249 16.45 21.58 -10.05
C ASP A 249 17.92 21.22 -9.79
N TRP A 250 18.12 20.04 -9.19
CA TRP A 250 19.44 19.55 -8.88
C TRP A 250 20.21 19.15 -10.13
N ASN A 251 21.53 19.27 -10.05
CA ASN A 251 22.46 18.53 -10.89
C ASN A 251 22.98 17.32 -10.12
N GLU A 252 23.67 16.43 -10.83
CA GLU A 252 24.12 15.18 -10.21
C GLU A 252 24.74 15.41 -8.84
N ASN A 253 25.67 16.35 -8.73
CA ASN A 253 26.39 16.54 -7.49
C ASN A 253 25.59 17.32 -6.45
N GLU A 254 24.65 18.17 -6.87
CA GLU A 254 23.71 18.76 -5.93
C GLU A 254 22.70 17.73 -5.42
N ALA A 255 22.56 16.60 -6.11
CA ALA A 255 21.67 15.54 -5.67
C ALA A 255 22.35 14.57 -4.71
N VAL A 256 23.65 14.31 -4.86
CA VAL A 256 24.35 13.49 -3.86
C VAL A 256 24.34 14.21 -2.52
N GLU A 257 24.47 15.54 -2.53
CA GLU A 257 24.44 16.32 -1.31
C GLU A 257 23.01 16.42 -0.78
N GLY A 258 22.07 16.84 -1.62
CA GLY A 258 20.70 17.06 -1.17
C GLY A 258 20.08 15.82 -0.56
N LEU A 259 20.32 14.66 -1.17
CA LEU A 259 19.75 13.42 -0.64
C LEU A 259 20.44 13.01 0.65
N LEU A 260 21.76 13.24 0.76
CA LEU A 260 22.45 12.97 2.02
C LEU A 260 21.95 13.90 3.12
N ALA A 261 21.62 15.15 2.77
CA ALA A 261 21.10 16.07 3.76
C ALA A 261 19.70 15.66 4.22
N MET A 262 18.93 15.01 3.35
CA MET A 262 17.59 14.58 3.73
C MET A 262 17.61 13.39 4.67
N GLN A 263 18.56 12.47 4.46
CA GLN A 263 18.72 11.36 5.40
C GLN A 263 18.92 11.88 6.81
N LYS A 264 19.83 12.84 6.99
CA LYS A 264 20.07 13.42 8.30
C LYS A 264 18.80 14.04 8.85
N PHE A 265 18.08 14.80 8.02
CA PHE A 265 16.86 15.44 8.46
C PHE A 265 15.77 14.42 8.80
N ALA A 266 15.77 13.27 8.13
CA ALA A 266 14.79 12.23 8.43
C ALA A 266 14.99 11.66 9.83
N VAL A 267 16.19 11.81 10.41
CA VAL A 267 16.45 11.29 11.74
C VAL A 267 16.00 12.28 12.81
N THR A 268 16.15 13.58 12.54
CA THR A 268 16.02 14.60 13.57
C THR A 268 14.71 15.37 13.53
N ALA A 269 14.01 15.40 12.40
CA ALA A 269 12.86 16.28 12.28
C ALA A 269 11.77 15.88 13.27
N PRO A 270 10.93 16.83 13.70
CA PRO A 270 9.82 16.48 14.60
C PRO A 270 8.88 15.47 13.97
N LYS A 271 8.11 14.80 14.83
CA LYS A 271 7.14 13.81 14.35
C LYS A 271 5.94 14.47 13.70
N GLU A 272 5.68 15.75 13.97
CA GLU A 272 4.62 16.48 13.29
C GLU A 272 4.88 16.65 11.80
N LEU A 273 6.08 16.33 11.33
CA LEU A 273 6.50 16.60 9.97
C LEU A 273 6.48 15.32 9.14
N ASN A 274 5.87 15.39 7.96
CA ASN A 274 5.78 14.27 7.03
C ASN A 274 6.29 14.74 5.67
N MET A 275 7.18 13.97 5.06
CA MET A 275 7.91 14.44 3.88
C MET A 275 8.17 13.30 2.91
N GLN A 276 8.20 13.66 1.62
CA GLN A 276 8.74 12.81 0.56
C GLN A 276 9.41 13.75 -0.46
N ILE A 277 10.19 13.16 -1.37
CA ILE A 277 10.76 13.90 -2.49
C ILE A 277 10.42 13.20 -3.79
N TYR A 278 9.65 13.87 -4.63
CA TYR A 278 9.46 13.43 -6.01
C TYR A 278 10.70 13.77 -6.82
N MET A 279 11.26 12.77 -7.50
CA MET A 279 12.33 12.99 -8.46
C MET A 279 11.85 12.51 -9.83
N GLY A 280 11.87 13.41 -10.80
CA GLY A 280 11.47 13.09 -12.16
C GLY A 280 12.57 13.41 -13.14
N PRO A 281 12.28 13.21 -14.44
CA PRO A 281 13.33 13.39 -15.46
C PRO A 281 13.79 14.82 -15.64
N SER A 282 13.01 15.82 -15.20
CA SER A 282 13.34 17.22 -15.43
C SER A 282 13.45 18.06 -14.18
N GLY A 283 13.31 17.46 -12.99
CA GLY A 283 13.45 18.23 -11.77
C GLY A 283 12.92 17.45 -10.59
N GLN A 284 13.02 18.08 -9.42
CA GLN A 284 12.64 17.48 -8.16
C GLN A 284 11.63 18.38 -7.43
N THR A 285 10.91 17.77 -6.48
CA THR A 285 9.97 18.51 -5.65
C THR A 285 9.89 17.82 -4.29
N ILE A 286 10.39 18.50 -3.25
CA ILE A 286 10.20 18.05 -1.88
C ILE A 286 8.83 18.55 -1.42
N GLN A 287 7.96 17.62 -1.02
CA GLN A 287 6.59 17.95 -0.66
C GLN A 287 6.17 17.08 0.52
N GLY A 288 5.32 17.63 1.37
CA GLY A 288 4.86 16.90 2.53
C GLY A 288 3.75 17.63 3.28
N VAL A 289 3.56 17.24 4.54
CA VAL A 289 2.51 17.80 5.39
C VAL A 289 3.07 17.99 6.80
N TYR A 290 2.85 19.17 7.37
CA TYR A 290 3.19 19.46 8.75
C TYR A 290 1.91 19.75 9.51
N TYR A 291 1.61 18.92 10.50
CA TYR A 291 0.41 19.11 11.32
C TYR A 291 0.74 20.17 12.37
N GLY A 292 0.52 21.42 11.97
CA GLY A 292 0.89 22.56 12.78
C GLY A 292 0.81 23.83 11.95
N THR A 293 1.33 24.91 12.52
CA THR A 293 1.24 26.22 11.88
C THR A 293 2.36 26.40 10.86
N ARG A 294 2.15 27.36 9.95
CA ARG A 294 3.18 27.66 8.96
C ARG A 294 4.49 28.06 9.64
N ALA A 295 4.40 28.98 10.60
CA ALA A 295 5.61 29.46 11.27
C ALA A 295 6.34 28.34 11.98
N ASN A 296 5.62 27.34 12.50
CA ASN A 296 6.29 26.20 13.11
C ASN A 296 6.93 25.29 12.06
N LEU A 297 6.24 25.09 10.93
CA LEU A 297 6.84 24.38 9.81
C LEU A 297 8.16 25.03 9.41
N ASN A 298 8.18 26.37 9.36
CA ASN A 298 9.39 27.09 8.97
C ASN A 298 10.56 26.74 9.89
N THR A 299 10.32 26.64 11.19
CA THR A 299 11.40 26.29 12.10
C THR A 299 11.82 24.83 11.93
N ALA A 300 10.88 23.94 11.62
CA ALA A 300 11.24 22.54 11.43
C ALA A 300 12.08 22.34 10.18
N LEU A 301 11.79 23.09 9.12
CA LEU A 301 12.50 22.93 7.86
C LEU A 301 13.82 23.68 7.80
N ARG A 302 14.03 24.64 8.71
CA ARG A 302 15.23 25.47 8.64
C ARG A 302 16.52 24.68 8.49
N PRO A 303 16.76 23.60 9.25
CA PRO A 303 18.04 22.90 9.09
C PRO A 303 18.19 22.24 7.72
N LEU A 304 17.11 21.66 7.18
CA LEU A 304 17.20 21.02 5.86
C LEU A 304 17.33 22.07 4.76
N LEU A 305 16.50 23.11 4.79
CA LEU A 305 16.58 24.15 3.78
C LEU A 305 17.95 24.82 3.79
N GLY A 306 18.60 24.87 4.95
CA GLY A 306 19.96 25.40 5.00
C GLY A 306 20.93 24.56 4.20
N ASP A 307 20.90 23.24 4.42
CA ASP A 307 21.75 22.34 3.64
C ASP A 307 21.42 22.42 2.16
N LEU A 308 20.13 22.56 1.83
CA LEU A 308 19.70 22.56 0.45
C LEU A 308 19.96 23.89 -0.24
N GLY A 309 19.90 25.00 0.49
CA GLY A 309 19.94 26.30 -0.14
C GLY A 309 18.64 26.61 -0.86
N ALA A 310 17.51 26.17 -0.30
CA ALA A 310 16.23 26.25 -0.96
C ALA A 310 15.21 26.87 -0.01
N GLN A 311 14.03 27.17 -0.57
CA GLN A 311 12.97 27.84 0.15
C GLN A 311 11.63 27.23 -0.23
N ILE A 312 10.66 27.35 0.67
CA ILE A 312 9.31 26.87 0.36
C ILE A 312 8.81 27.55 -0.90
N SER A 313 8.23 26.75 -1.79
CA SER A 313 7.62 27.28 -3.01
C SER A 313 6.14 27.57 -2.79
N THR A 314 5.38 26.61 -2.25
CA THR A 314 3.98 26.80 -1.92
C THR A 314 3.73 26.22 -0.52
N ALA A 315 2.93 26.93 0.26
CA ALA A 315 2.58 26.47 1.59
C ALA A 315 1.28 27.15 2.00
N SER A 316 0.39 26.37 2.62
CA SER A 316 -0.94 26.86 2.95
C SER A 316 -1.46 26.03 4.12
N THR A 317 -2.21 26.68 5.01
CA THR A 317 -2.78 26.03 6.18
C THR A 317 -4.29 25.89 5.99
N GLY A 318 -4.82 24.76 6.46
CA GLY A 318 -6.23 24.49 6.29
C GLY A 318 -6.67 23.26 7.04
N GLY A 319 -7.86 22.77 6.68
CA GLY A 319 -8.43 21.62 7.35
C GLY A 319 -7.79 20.31 6.93
N TRP A 320 -8.18 19.24 7.62
CA TRP A 320 -7.64 17.91 7.36
C TRP A 320 -8.16 17.36 6.05
N ILE A 321 -9.46 17.55 5.78
CA ILE A 321 -10.04 17.11 4.52
C ILE A 321 -9.48 17.93 3.37
N GLN A 322 -9.06 19.17 3.64
CA GLN A 322 -8.43 19.97 2.60
C GLN A 322 -7.10 19.38 2.17
N MET A 323 -6.30 18.93 3.14
CA MET A 323 -5.00 18.35 2.80
C MET A 323 -5.16 17.05 2.02
N LEU A 324 -6.15 16.22 2.39
CA LEU A 324 -6.39 14.99 1.66
C LEU A 324 -6.82 15.26 0.23
N ASN A 325 -7.56 16.36 0.01
CA ASN A 325 -7.95 16.72 -1.34
C ASN A 325 -6.78 17.28 -2.15
N LYS A 326 -5.87 18.00 -1.50
CA LYS A 326 -4.75 18.59 -2.24
C LYS A 326 -3.80 17.51 -2.76
N TYR A 327 -3.74 16.37 -2.08
CA TYR A 327 -2.85 15.28 -2.46
C TYR A 327 -3.61 14.09 -3.06
N ALA A 328 -4.92 14.24 -3.30
CA ALA A 328 -5.71 13.20 -3.95
C ALA A 328 -5.49 13.13 -5.46
N ASN A 329 -4.76 14.09 -6.04
CA ASN A 329 -4.42 14.05 -7.47
C ASN A 329 -5.67 14.16 -8.34
N GLY A 330 -6.52 15.14 -8.02
CA GLY A 330 -7.72 15.39 -8.79
C GLY A 330 -8.90 14.50 -8.47
N GLN A 331 -8.71 13.42 -7.72
CA GLN A 331 -9.78 12.46 -7.45
C GLN A 331 -10.59 12.87 -6.23
N ALA A 332 -11.91 12.89 -6.38
CA ALA A 332 -12.79 13.23 -5.27
C ALA A 332 -12.63 12.20 -4.16
N LEU A 333 -12.64 12.68 -2.91
CA LEU A 333 -12.32 11.81 -1.78
C LEU A 333 -13.31 10.65 -1.68
N ASP A 334 -14.60 10.96 -1.55
CA ASP A 334 -15.60 9.94 -1.25
C ASP A 334 -15.78 8.99 -2.43
N GLN A 335 -14.78 8.16 -2.70
CA GLN A 335 -14.85 7.18 -3.78
C GLN A 335 -15.68 5.99 -3.34
N ARG A 336 -16.60 5.55 -4.20
CA ARG A 336 -17.43 4.38 -3.94
C ARG A 336 -17.68 3.65 -5.26
N ARG A 337 -18.43 2.57 -5.16
CA ARG A 337 -18.86 1.79 -6.31
C ARG A 337 -20.02 2.49 -7.01
N PRO A 338 -20.03 2.52 -8.36
CA PRO A 338 -19.04 1.89 -9.25
C PRO A 338 -17.76 2.71 -9.42
N TYR A 339 -16.66 2.02 -9.71
CA TYR A 339 -15.33 2.60 -9.75
C TYR A 339 -14.69 2.23 -11.07
N ASP A 340 -14.24 3.22 -11.83
CA ASP A 340 -13.70 3.00 -13.18
C ASP A 340 -12.47 3.87 -13.41
N GLN A 341 -11.49 3.78 -12.50
CA GLN A 341 -10.19 4.39 -12.68
C GLN A 341 -9.20 3.35 -13.20
N HIS A 342 -8.32 3.78 -14.09
CA HIS A 342 -7.38 2.86 -14.71
C HIS A 342 -6.09 3.60 -15.04
N SER A 343 -5.00 2.85 -15.06
CA SER A 343 -3.72 3.31 -15.56
C SER A 343 -3.00 2.11 -16.17
N THR A 344 -1.89 2.36 -16.83
CA THR A 344 -1.05 1.28 -17.35
C THR A 344 0.41 1.64 -17.05
N PHE A 345 1.03 0.85 -16.17
CA PHE A 345 2.27 1.26 -15.54
C PHE A 345 3.01 0.02 -15.01
N TYR A 346 4.27 0.23 -14.64
CA TYR A 346 5.05 -0.75 -13.90
C TYR A 346 5.83 -0.01 -12.81
N SER A 347 5.85 -0.59 -11.61
CA SER A 347 6.48 0.06 -10.48
C SER A 347 7.27 -0.94 -9.64
N THR A 348 8.14 -0.39 -8.80
CA THR A 348 8.91 -1.17 -7.84
C THR A 348 9.25 -0.25 -6.67
N SER A 349 9.81 -0.84 -5.62
CA SER A 349 10.02 -0.13 -4.37
C SER A 349 11.36 -0.53 -3.75
N LEU A 350 11.73 0.19 -2.69
CA LEU A 350 12.83 -0.18 -1.82
C LEU A 350 12.50 0.29 -0.41
N MET A 351 12.98 -0.47 0.57
CA MET A 351 12.84 -0.15 1.99
C MET A 351 14.26 -0.15 2.59
N THR A 352 14.99 0.93 2.33
CA THR A 352 16.41 1.01 2.67
C THR A 352 16.62 1.61 4.04
N LYS A 353 17.81 1.36 4.58
CA LYS A 353 18.40 2.18 5.62
C LYS A 353 19.12 3.37 4.99
N ALA A 354 19.63 4.24 5.84
CA ALA A 354 20.48 5.35 5.41
C ALA A 354 21.52 4.88 4.41
N LEU A 355 21.48 5.44 3.20
CA LEU A 355 22.49 5.15 2.20
C LEU A 355 23.82 5.79 2.57
N THR A 356 24.91 5.13 2.17
CA THR A 356 26.25 5.68 2.32
C THR A 356 26.51 6.74 1.25
N ARG A 357 27.55 7.55 1.46
CA ARG A 357 27.93 8.56 0.47
C ARG A 357 28.05 7.94 -0.92
N ASN A 358 28.74 6.80 -1.01
CA ASN A 358 29.00 6.19 -2.30
C ASN A 358 27.77 5.52 -2.90
N GLN A 359 26.82 5.09 -2.05
CA GLN A 359 25.56 4.55 -2.57
C GLN A 359 24.71 5.66 -3.17
N VAL A 360 24.64 6.82 -2.51
CA VAL A 360 23.89 7.95 -3.07
C VAL A 360 24.54 8.43 -4.36
N LYS A 361 25.86 8.29 -4.48
CA LYS A 361 26.54 8.73 -5.70
C LYS A 361 26.24 7.78 -6.87
N SER A 362 26.12 6.47 -6.59
CA SER A 362 25.79 5.51 -7.64
C SER A 362 24.37 5.73 -8.15
N PHE A 363 23.44 6.03 -7.26
CA PHE A 363 22.06 6.30 -7.67
C PHE A 363 21.99 7.54 -8.55
N ALA A 364 22.70 8.61 -8.15
CA ALA A 364 22.60 9.88 -8.86
C ALA A 364 23.37 9.85 -10.18
N ARG A 365 24.41 9.01 -10.27
CA ARG A 365 25.11 8.84 -11.54
C ARG A 365 24.24 8.09 -12.54
N THR A 366 23.54 7.06 -12.08
CA THR A 366 22.69 6.26 -12.95
C THR A 366 21.43 7.02 -13.36
N LEU A 367 20.91 7.88 -12.49
CA LEU A 367 19.70 8.63 -12.78
C LEU A 367 19.98 9.80 -13.72
N PHE A 368 20.98 10.63 -13.38
CA PHE A 368 21.31 11.74 -14.24
C PHE A 368 21.93 11.28 -15.55
N ASP A 369 22.54 10.09 -15.54
CA ASP A 369 22.90 9.43 -16.80
C ASP A 369 21.67 9.30 -17.70
N ASN A 370 20.57 8.80 -17.13
CA ASN A 370 19.33 8.70 -17.87
C ASN A 370 18.73 10.06 -18.18
N MET A 371 18.72 10.96 -17.18
CA MET A 371 18.07 12.26 -17.35
C MET A 371 18.69 13.06 -18.49
N ASN A 372 20.02 13.00 -18.63
CA ASN A 372 20.71 13.80 -19.63
C ASN A 372 20.79 13.12 -21.00
N ASP A 373 20.27 11.92 -21.13
CA ASP A 373 20.28 11.18 -22.40
C ASP A 373 18.97 11.46 -23.13
N SER A 374 19.07 12.15 -24.26
CA SER A 374 17.87 12.51 -25.02
C SER A 374 17.12 11.29 -25.53
N ASP A 375 17.82 10.17 -25.71
CA ASP A 375 17.18 8.98 -26.28
C ASP A 375 16.52 8.13 -25.20
N ALA A 376 17.04 8.15 -23.98
CA ALA A 376 16.62 7.19 -22.96
C ALA A 376 15.15 7.37 -22.60
N ARG A 377 14.61 6.35 -21.92
CA ARG A 377 13.22 6.37 -21.46
C ARG A 377 13.07 7.38 -20.33
N HIS A 378 12.19 8.36 -20.53
CA HIS A 378 11.97 9.44 -19.56
C HIS A 378 10.57 9.41 -18.97
N THR A 379 9.88 8.28 -19.06
CA THR A 379 8.48 8.19 -18.65
C THR A 379 8.36 7.58 -17.26
N TRP A 380 9.18 8.09 -16.34
CA TRP A 380 9.30 7.54 -14.99
C TRP A 380 9.25 8.67 -13.97
N TYR A 381 9.15 8.29 -12.70
CA TYR A 381 9.32 9.20 -11.58
C TYR A 381 9.65 8.35 -10.34
N ILE A 382 10.12 9.02 -9.30
CA ILE A 382 10.56 8.35 -8.08
C ILE A 382 10.05 9.10 -6.86
N LEU A 383 9.56 8.36 -5.87
CA LEU A 383 9.06 8.92 -4.62
C LEU A 383 9.83 8.29 -3.47
N ILE A 384 10.52 9.14 -2.70
CA ILE A 384 11.31 8.70 -1.55
C ILE A 384 10.67 9.30 -0.30
N ASP A 385 9.88 8.52 0.42
CA ASP A 385 9.28 8.98 1.65
C ASP A 385 10.28 8.88 2.79
N LEU A 386 10.22 9.84 3.70
CA LEU A 386 10.92 9.72 4.97
C LEU A 386 10.06 8.85 5.87
N PHE A 387 10.53 7.62 6.13
CA PHE A 387 9.70 6.53 6.61
C PHE A 387 9.88 6.23 8.09
N GLY A 388 11.13 6.08 8.55
CA GLY A 388 11.40 5.66 9.91
C GLY A 388 12.23 6.62 10.71
N GLY A 389 13.05 6.08 11.62
CA GLY A 389 13.88 6.88 12.48
C GLY A 389 13.27 7.05 13.87
N PRO A 390 14.02 7.71 14.77
CA PRO A 390 13.53 7.82 16.15
C PRO A 390 12.23 8.59 16.29
N ASN A 391 11.97 9.55 15.41
CA ASN A 391 10.80 10.43 15.53
C ASN A 391 9.63 9.99 14.64
N SER A 392 9.76 8.86 13.96
CA SER A 392 8.64 8.29 13.21
C SER A 392 7.85 7.35 14.11
N ALA A 393 6.52 7.44 14.03
CA ALA A 393 5.66 6.58 14.82
C ALA A 393 5.67 5.14 14.32
N VAL A 394 6.15 4.91 13.10
CA VAL A 394 6.22 3.55 12.57
C VAL A 394 7.33 2.75 13.24
N THR A 395 8.42 3.42 13.62
CA THR A 395 9.63 2.70 14.01
C THR A 395 9.42 1.87 15.26
N ASN A 396 8.72 2.41 16.25
CA ASN A 396 8.46 1.71 17.51
C ASN A 396 6.96 1.61 17.78
N ALA A 397 6.18 1.38 16.73
CA ALA A 397 4.75 1.16 16.89
C ALA A 397 4.51 0.10 17.98
N LYS A 398 3.41 0.28 18.71
CA LYS A 398 3.11 -0.51 19.89
C LYS A 398 1.77 -1.20 19.74
N THR A 399 1.56 -2.24 20.53
CA THR A 399 0.23 -2.79 20.70
C THR A 399 -0.67 -1.71 21.29
N LEU A 400 -1.87 -1.57 20.73
CA LEU A 400 -2.73 -0.46 21.10
C LEU A 400 -3.03 -0.47 22.60
N PHE A 401 -3.11 0.72 23.18
CA PHE A 401 -3.39 0.89 24.61
C PHE A 401 -2.31 0.23 25.48
N THR A 402 -1.08 0.16 24.95
CA THR A 402 0.00 -0.53 25.62
C THR A 402 1.31 0.20 25.34
N ASP A 403 2.33 -0.10 26.15
CA ASP A 403 3.69 0.37 25.92
C ASP A 403 4.60 -0.75 25.42
N LEU A 404 4.01 -1.88 24.94
CA LEU A 404 4.67 -3.06 24.41
C LEU A 404 4.63 -3.06 22.88
N PRO A 405 5.59 -3.71 22.23
CA PRO A 405 5.68 -3.63 20.77
C PRO A 405 4.42 -4.15 20.09
N ILE A 406 4.22 -3.72 18.86
CA ILE A 406 3.07 -4.17 18.07
C ILE A 406 3.29 -5.59 17.60
N ASN A 407 2.21 -6.37 17.57
CA ASN A 407 2.21 -7.75 17.09
C ASN A 407 1.96 -7.72 15.59
N SER A 408 3.04 -7.64 14.81
CA SER A 408 2.91 -7.43 13.38
C SER A 408 4.04 -8.11 12.64
N ALA A 409 3.69 -8.75 11.51
CA ALA A 409 4.68 -9.41 10.68
C ALA A 409 5.47 -8.42 9.83
N PHE A 410 4.99 -7.18 9.65
CA PHE A 410 5.67 -6.18 8.86
C PHE A 410 7.11 -6.01 9.36
N PRO A 411 8.11 -6.17 8.48
CA PRO A 411 9.50 -6.32 8.96
C PRO A 411 10.35 -5.06 8.89
N HIS A 412 9.84 -3.97 8.30
CA HIS A 412 10.68 -2.86 7.87
C HIS A 412 10.64 -1.66 8.82
N ARG A 413 10.20 -1.84 10.07
CA ARG A 413 10.21 -0.73 11.00
C ARG A 413 11.61 -0.21 11.26
N ASP A 414 12.64 -1.01 10.99
CA ASP A 414 14.02 -0.57 11.14
C ASP A 414 14.53 0.18 9.92
N LYS A 415 13.76 0.23 8.85
CA LYS A 415 14.19 0.95 7.66
C LYS A 415 13.92 2.45 7.82
N LEU A 416 14.66 3.24 7.06
CA LEU A 416 14.54 4.69 7.12
C LEU A 416 13.82 5.29 5.93
N LEU A 417 13.98 4.73 4.73
CA LEU A 417 13.51 5.34 3.50
C LEU A 417 12.60 4.38 2.74
N LEU A 418 11.49 4.91 2.22
CA LEU A 418 10.55 4.14 1.42
C LEU A 418 10.61 4.66 -0.01
N TRP A 419 11.34 3.95 -0.86
CA TRP A 419 11.46 4.32 -2.26
C TRP A 419 10.32 3.72 -3.06
N GLN A 420 9.82 4.47 -4.04
CA GLN A 420 8.94 3.94 -5.06
C GLN A 420 9.45 4.38 -6.42
N PHE A 421 9.60 3.42 -7.33
CA PHE A 421 9.99 3.69 -8.71
C PHE A 421 8.79 3.36 -9.60
N SER A 422 8.35 4.32 -10.39
CA SER A 422 7.23 4.12 -11.30
C SER A 422 7.62 4.50 -12.72
N ASP A 423 6.90 3.90 -13.67
CA ASP A 423 7.05 4.22 -15.09
C ASP A 423 5.68 4.10 -15.72
N HIS A 424 5.22 5.18 -16.35
CA HIS A 424 3.91 5.16 -16.99
C HIS A 424 4.07 5.43 -18.49
N GLY A 425 4.88 4.61 -19.15
CA GLY A 425 5.10 4.75 -20.57
C GLY A 425 4.46 3.64 -21.36
N ASN A 426 5.14 3.21 -22.43
CA ASN A 426 4.61 2.24 -23.37
C ASN A 426 4.97 0.83 -22.92
N TYR A 427 3.98 -0.07 -22.92
CA TYR A 427 4.19 -1.44 -22.48
C TYR A 427 3.63 -2.48 -23.44
N ALA A 428 3.08 -2.06 -24.58
CA ALA A 428 2.76 -3.00 -25.64
C ALA A 428 4.05 -3.42 -26.33
N THR A 429 4.73 -2.46 -26.97
CA THR A 429 5.87 -2.76 -27.81
C THR A 429 7.21 -2.64 -27.10
N HIS A 430 7.30 -1.83 -26.04
CA HIS A 430 8.55 -1.59 -25.32
C HIS A 430 8.34 -1.77 -23.83
N ALA A 431 7.75 -2.90 -23.45
CA ALA A 431 7.53 -3.18 -22.03
C ALA A 431 8.83 -3.49 -21.31
N ASN A 432 9.76 -4.18 -21.98
CA ASN A 432 11.01 -4.57 -21.32
C ASN A 432 12.01 -3.43 -21.22
N ASN A 433 11.80 -2.33 -21.95
CA ASN A 433 12.53 -1.10 -21.63
C ASN A 433 12.01 -0.50 -20.32
N GLY A 434 10.69 -0.57 -20.11
CA GLY A 434 10.14 -0.10 -18.86
C GLY A 434 10.64 -0.87 -17.66
N PHE A 435 10.79 -2.20 -17.80
CA PHE A 435 11.29 -3.01 -16.69
C PHE A 435 12.77 -2.78 -16.46
N THR A 436 13.55 -2.61 -17.53
CA THR A 436 14.99 -2.44 -17.38
C THR A 436 15.35 -1.16 -16.65
N VAL A 437 14.67 -0.06 -16.97
CA VAL A 437 15.08 1.25 -16.45
C VAL A 437 14.80 1.34 -14.96
N LEU A 438 13.64 0.86 -14.50
CA LEU A 438 13.35 0.91 -13.08
C LEU A 438 14.26 -0.03 -12.30
N LYS A 439 14.57 -1.21 -12.84
CA LYS A 439 15.49 -2.12 -12.17
C LYS A 439 16.89 -1.54 -12.12
N ARG A 440 17.33 -0.90 -13.20
CA ARG A 440 18.64 -0.25 -13.21
C ARG A 440 18.72 0.83 -12.13
N PHE A 441 17.63 1.57 -11.93
CA PHE A 441 17.61 2.55 -10.84
C PHE A 441 17.66 1.85 -9.49
N ARG A 442 16.79 0.85 -9.28
CA ARG A 442 16.73 0.17 -8.00
C ARG A 442 18.06 -0.48 -7.65
N ASP A 443 18.70 -1.15 -8.62
CA ASP A 443 19.96 -1.83 -8.34
C ASP A 443 21.06 -0.84 -8.00
N SER A 444 21.09 0.32 -8.68
CA SER A 444 22.10 1.33 -8.41
C SER A 444 22.14 1.70 -6.92
N VAL A 445 21.02 1.52 -6.22
CA VAL A 445 20.96 1.82 -4.80
C VAL A 445 21.52 0.68 -3.96
N THR A 446 21.19 -0.56 -4.31
CA THR A 446 21.39 -1.70 -3.43
C THR A 446 22.70 -2.43 -3.67
N LYS A 447 23.38 -2.17 -4.80
CA LYS A 447 24.59 -2.93 -5.15
C LYS A 447 25.56 -3.08 -3.98
N THR A 448 25.91 -1.96 -3.34
CA THR A 448 26.89 -1.98 -2.26
C THR A 448 26.31 -2.35 -0.90
N MET A 449 24.98 -2.48 -0.82
CA MET A 449 24.32 -2.67 0.47
C MET A 449 24.35 -4.15 0.86
N ALA A 450 24.59 -4.42 2.15
CA ALA A 450 24.52 -5.78 2.66
C ALA A 450 23.20 -6.43 2.26
N ASP A 451 23.28 -7.67 1.77
CA ASP A 451 22.14 -8.30 1.13
C ASP A 451 20.89 -8.31 2.01
N GLY A 452 21.06 -8.27 3.33
CA GLY A 452 19.94 -8.33 4.24
C GLY A 452 19.68 -7.03 4.98
N ASP A 453 20.14 -5.91 4.44
CA ASP A 453 19.94 -4.61 5.05
C ASP A 453 18.83 -3.81 4.38
N TRP A 454 18.24 -4.33 3.31
CA TRP A 454 17.22 -3.62 2.57
C TRP A 454 16.12 -4.59 2.17
N GLY A 455 14.90 -4.07 2.06
CA GLY A 455 13.76 -4.86 1.65
C GLY A 455 12.93 -4.14 0.62
N MET A 456 11.68 -4.58 0.46
CA MET A 456 10.75 -3.97 -0.48
C MET A 456 9.38 -3.93 0.16
N TYR A 457 8.48 -3.17 -0.46
CA TYR A 457 7.19 -2.84 0.13
C TYR A 457 6.09 -3.55 -0.65
N ALA A 458 5.30 -4.36 0.05
CA ALA A 458 4.33 -5.24 -0.61
C ALA A 458 3.26 -4.45 -1.36
N ASN A 459 2.78 -3.34 -0.76
CA ASN A 459 1.76 -2.55 -1.43
C ASN A 459 2.29 -1.88 -2.70
N TYR A 460 3.61 -1.70 -2.80
CA TYR A 460 4.27 -1.29 -4.05
C TYR A 460 4.95 -2.49 -4.69
N LEU A 461 4.24 -3.61 -4.79
CA LEU A 461 4.87 -4.87 -5.18
C LEU A 461 5.53 -4.76 -6.55
N ASP A 462 6.74 -5.31 -6.64
CA ASP A 462 7.46 -5.39 -7.90
C ASP A 462 6.99 -6.66 -8.61
N THR A 463 6.28 -6.48 -9.72
CA THR A 463 5.60 -7.61 -10.36
C THR A 463 6.58 -8.59 -10.98
N GLN A 464 7.77 -8.15 -11.37
CA GLN A 464 8.71 -8.99 -12.08
C GLN A 464 9.52 -9.91 -11.17
N LEU A 465 9.19 -9.97 -9.89
CA LEU A 465 10.00 -10.71 -8.92
C LEU A 465 9.55 -12.16 -8.79
N SER A 466 10.52 -13.05 -8.62
CA SER A 466 10.22 -14.44 -8.29
C SER A 466 9.62 -14.49 -6.90
N ASN A 467 8.68 -15.43 -6.71
CA ASN A 467 8.08 -15.62 -5.39
C ASN A 467 9.15 -15.68 -4.30
N GLU A 468 10.24 -16.42 -4.52
CA GLU A 468 11.28 -16.49 -3.49
C GLU A 468 11.85 -15.11 -3.20
N GLU A 469 12.13 -14.31 -4.22
CA GLU A 469 12.72 -13.00 -4.00
C GLU A 469 11.70 -12.03 -3.41
N ALA A 470 10.47 -12.06 -3.93
CA ALA A 470 9.46 -11.11 -3.48
C ALA A 470 9.15 -11.30 -1.99
N VAL A 471 8.86 -12.54 -1.58
CA VAL A 471 8.51 -12.76 -0.19
C VAL A 471 9.71 -12.55 0.72
N LYS A 472 10.92 -12.79 0.22
CA LYS A 472 12.12 -12.46 1.00
C LYS A 472 12.16 -10.97 1.33
N ARG A 473 11.82 -10.12 0.36
CA ARG A 473 11.99 -8.68 0.49
C ARG A 473 10.80 -8.01 1.15
N TYR A 474 9.57 -8.44 0.86
CA TYR A 474 8.41 -7.83 1.49
C TYR A 474 8.33 -8.20 2.98
N TYR A 475 8.63 -9.46 3.31
CA TYR A 475 8.32 -10.01 4.61
C TYR A 475 9.55 -10.41 5.42
N GLY A 476 10.73 -10.41 4.83
CA GLY A 476 11.95 -10.51 5.62
C GLY A 476 11.98 -11.74 6.50
N LYS A 477 12.34 -11.54 7.77
CA LYS A 477 12.51 -12.63 8.72
C LYS A 477 11.18 -13.12 9.30
N SER A 478 10.05 -12.59 8.83
CA SER A 478 8.75 -13.14 9.17
C SER A 478 8.36 -14.32 8.30
N LEU A 479 9.07 -14.54 7.18
CA LEU A 479 8.69 -15.59 6.24
C LEU A 479 8.47 -16.94 6.89
N PRO A 480 9.39 -17.48 7.69
CA PRO A 480 9.19 -18.85 8.21
C PRO A 480 7.92 -18.98 9.02
N LYS A 481 7.68 -18.05 9.95
CA LYS A 481 6.45 -18.09 10.74
C LYS A 481 5.23 -17.92 9.83
N LEU A 482 5.33 -17.05 8.82
CA LEU A 482 4.25 -16.90 7.85
C LEU A 482 4.00 -18.22 7.11
N LYS A 483 5.06 -18.86 6.63
CA LYS A 483 4.90 -20.14 5.95
C LYS A 483 4.35 -21.21 6.88
N LYS A 484 4.77 -21.18 8.16
CA LYS A 484 4.23 -22.13 9.12
C LYS A 484 2.74 -21.92 9.31
N LEU A 485 2.32 -20.66 9.36
CA LEU A 485 0.91 -20.34 9.58
C LEU A 485 0.08 -20.59 8.32
N LYS A 486 0.67 -20.37 7.14
CA LYS A 486 -0.03 -20.66 5.90
C LYS A 486 -0.40 -22.15 5.81
N ALA A 487 0.50 -23.03 6.27
CA ALA A 487 0.20 -24.46 6.24
C ALA A 487 -0.91 -24.81 7.21
N GLU A 488 -0.96 -24.14 8.36
CA GLU A 488 -2.06 -24.35 9.30
C GLU A 488 -3.40 -24.06 8.64
N LEU A 489 -3.52 -22.89 8.01
CA LEU A 489 -4.81 -22.30 7.66
C LEU A 489 -5.20 -22.52 6.20
N ASP A 490 -4.27 -22.39 5.27
CA ASP A 490 -4.53 -22.58 3.85
C ASP A 490 -3.49 -23.54 3.29
N PRO A 491 -3.61 -24.84 3.60
CA PRO A 491 -2.55 -25.78 3.21
C PRO A 491 -2.59 -26.12 1.72
N LYS A 492 -3.80 -26.20 1.16
CA LYS A 492 -3.95 -26.42 -0.28
C LYS A 492 -3.70 -25.15 -1.07
N ASP A 493 -3.40 -24.04 -0.41
CA ASP A 493 -3.08 -22.77 -1.05
C ASP A 493 -4.23 -22.30 -1.95
N MET A 494 -5.43 -22.31 -1.39
CA MET A 494 -6.59 -21.77 -2.09
C MET A 494 -6.42 -20.28 -2.38
N PHE A 495 -6.06 -19.50 -1.36
CA PHE A 495 -5.87 -18.06 -1.51
C PHE A 495 -4.49 -17.85 -2.10
N TRP A 496 -4.41 -17.92 -3.43
CA TRP A 496 -3.14 -17.95 -4.15
C TRP A 496 -2.95 -16.64 -4.91
N ASN A 497 -1.70 -16.19 -4.98
CA ASN A 497 -1.31 -15.13 -5.89
C ASN A 497 0.17 -15.30 -6.21
N PRO A 498 0.65 -14.72 -7.30
CA PRO A 498 2.05 -14.95 -7.72
C PRO A 498 3.07 -14.76 -6.61
N GLN A 499 2.93 -13.72 -5.78
CA GLN A 499 3.90 -13.44 -4.72
C GLN A 499 3.32 -13.73 -3.34
N GLY A 500 2.41 -14.69 -3.26
CA GLY A 500 1.78 -15.02 -2.00
C GLY A 500 2.65 -15.92 -1.14
N ILE A 501 2.29 -15.99 0.14
CA ILE A 501 2.99 -16.91 1.05
C ILE A 501 2.67 -18.34 0.64
N ARG A 502 3.73 -19.13 0.42
CA ARG A 502 3.58 -20.53 0.06
C ARG A 502 3.61 -21.39 1.31
N PRO A 503 2.68 -22.34 1.46
CA PRO A 503 2.68 -23.17 2.68
C PRO A 503 3.95 -23.98 2.83
N ALA A 504 4.37 -24.17 4.07
CA ALA A 504 5.50 -25.05 4.34
C ALA A 504 5.08 -26.49 4.11
N ALA A 505 5.91 -27.22 3.37
CA ALA A 505 5.61 -28.60 2.98
C ALA A 505 5.09 -29.45 4.13
#